data_1N6T
#
_entry.id   1N6T
#
_cell.length_a   1.000
_cell.length_b   1.000
_cell.length_c   1.000
_cell.angle_alpha   90.00
_cell.angle_beta   90.00
_cell.angle_gamma   90.00
#
_symmetry.space_group_name_H-M   'P 1'
#
_entity_poly.entity_id   1
_entity_poly.type   'polypeptide(L)'
_entity_poly.pdbx_seq_one_letter_code
;HKTDSFVGLM
;
_entity_poly.pdbx_strand_id   A
#
# COMPACT_ATOMS: atom_id res chain seq x y z
N HIS A 1 -2.51 -0.99 1.29
CA HIS A 1 -2.44 0.35 0.72
C HIS A 1 -1.14 1.03 1.15
N LYS A 2 -0.94 2.23 0.64
CA LYS A 2 0.26 2.99 0.96
C LYS A 2 0.18 3.46 2.42
N THR A 3 -1.04 3.50 2.93
CA THR A 3 -1.25 3.93 4.30
C THR A 3 -0.75 2.86 5.28
N ASP A 4 -0.79 1.62 4.81
CA ASP A 4 -0.33 0.50 5.63
C ASP A 4 1.18 0.37 5.51
N SER A 5 1.71 0.96 4.45
CA SER A 5 3.15 0.92 4.21
C SER A 5 3.88 1.76 5.25
N PHE A 6 3.10 2.49 6.02
CA PHE A 6 3.66 3.34 7.07
C PHE A 6 4.49 2.52 8.06
N VAL A 7 4.22 1.22 8.07
CA VAL A 7 4.93 0.33 8.97
C VAL A 7 6.43 0.37 8.64
N GLY A 8 6.72 0.80 7.43
CA GLY A 8 8.11 0.89 6.98
C GLY A 8 8.84 2.02 7.71
N LEU A 9 8.06 2.91 8.29
CA LEU A 9 8.61 4.04 9.01
C LEU A 9 9.15 3.56 10.37
N MET A 10 8.65 2.40 10.79
CA MET A 10 9.07 1.82 12.05
C MET A 10 10.38 1.04 11.89
N HIS A 1 -2.51 -0.99 1.29
CA HIS A 1 -2.44 0.35 0.72
C HIS A 1 -1.09 0.56 0.04
N LYS A 2 -0.83 1.81 -0.31
CA LYS A 2 0.42 2.14 -0.97
C LYS A 2 1.51 2.32 0.08
N THR A 3 1.09 2.52 1.32
CA THR A 3 2.01 2.70 2.42
C THR A 3 2.58 1.34 2.87
N ASP A 4 1.77 0.32 2.67
CA ASP A 4 2.18 -1.04 3.04
C ASP A 4 3.05 -1.63 1.93
N SER A 5 2.93 -1.03 0.76
CA SER A 5 3.71 -1.48 -0.39
C SER A 5 5.19 -1.16 -0.20
N PHE A 6 5.45 -0.37 0.83
CA PHE A 6 6.82 0.03 1.14
C PHE A 6 7.68 -1.19 1.46
N VAL A 7 7.02 -2.28 1.82
CA VAL A 7 7.72 -3.51 2.15
C VAL A 7 8.41 -4.04 0.90
N GLY A 8 7.93 -3.59 -0.25
CA GLY A 8 8.50 -4.02 -1.52
C GLY A 8 9.93 -3.51 -1.67
N LEU A 9 10.29 -2.56 -0.83
CA LEU A 9 11.63 -1.99 -0.86
C LEU A 9 12.63 -3.02 -0.35
N MET A 10 12.12 -3.97 0.41
CA MET A 10 12.95 -5.02 0.97
C MET A 10 13.17 -6.14 -0.06
N HIS A 1 -2.51 -0.99 1.29
CA HIS A 1 -2.44 0.35 0.72
C HIS A 1 -1.04 0.93 0.93
N LYS A 2 -0.91 2.20 0.58
CA LYS A 2 0.37 2.88 0.72
C LYS A 2 0.67 3.10 2.20
N THR A 3 -0.39 3.09 2.99
CA THR A 3 -0.26 3.28 4.43
C THR A 3 0.39 2.05 5.08
N ASP A 4 0.15 0.91 4.46
CA ASP A 4 0.70 -0.34 4.97
C ASP A 4 2.13 -0.52 4.45
N SER A 5 2.42 0.18 3.35
CA SER A 5 3.74 0.11 2.74
C SER A 5 4.76 0.83 3.63
N PHE A 6 4.24 1.67 4.53
CA PHE A 6 5.09 2.41 5.43
C PHE A 6 5.94 1.46 6.28
N VAL A 7 5.47 0.23 6.38
CA VAL A 7 6.18 -0.78 7.16
C VAL A 7 7.58 -0.98 6.58
N GLY A 8 7.72 -0.62 5.31
CA GLY A 8 8.99 -0.75 4.62
C GLY A 8 10.10 0.00 5.37
N LEU A 9 9.67 0.90 6.24
CA LEU A 9 10.61 1.69 7.01
C LEU A 9 11.30 0.79 8.04
N MET A 10 10.63 -0.31 8.36
CA MET A 10 11.17 -1.25 9.33
C MET A 10 12.34 -2.05 8.73
N HIS A 1 -2.51 -0.99 1.29
CA HIS A 1 -2.44 0.35 0.72
C HIS A 1 -3.81 0.73 0.15
N LYS A 2 -3.87 1.93 -0.41
CA LYS A 2 -5.10 2.42 -0.99
C LYS A 2 -5.40 1.65 -2.27
N THR A 3 -4.34 1.09 -2.85
CA THR A 3 -4.48 0.31 -4.07
C THR A 3 -5.14 -1.03 -3.79
N ASP A 4 -4.92 -1.52 -2.58
CA ASP A 4 -5.49 -2.79 -2.17
C ASP A 4 -6.92 -2.57 -1.67
N SER A 5 -7.21 -1.33 -1.34
CA SER A 5 -8.53 -0.98 -0.84
C SER A 5 -9.56 -1.13 -1.97
N PHE A 6 -9.06 -1.19 -3.18
CA PHE A 6 -9.92 -1.35 -4.35
C PHE A 6 -10.74 -2.63 -4.27
N VAL A 7 -10.26 -3.55 -3.42
CA VAL A 7 -10.92 -4.82 -3.25
C VAL A 7 -12.28 -4.59 -2.58
N GLY A 8 -12.40 -3.44 -1.93
CA GLY A 8 -13.63 -3.09 -1.25
C GLY A 8 -14.77 -2.90 -2.25
N LEU A 9 -14.39 -2.74 -3.51
CA LEU A 9 -15.37 -2.54 -4.57
C LEU A 9 -15.96 -3.90 -4.97
N MET A 10 -15.23 -4.95 -4.61
CA MET A 10 -15.66 -6.30 -4.93
C MET A 10 -16.88 -6.70 -4.08
N HIS A 1 -2.51 -0.99 1.29
CA HIS A 1 -2.44 0.35 0.72
C HIS A 1 -2.77 0.29 -0.77
N LYS A 2 -2.77 1.46 -1.39
CA LYS A 2 -3.05 1.56 -2.80
C LYS A 2 -1.87 1.00 -3.60
N THR A 3 -0.71 1.02 -2.96
CA THR A 3 0.50 0.52 -3.59
C THR A 3 0.44 -1.00 -3.75
N ASP A 4 -0.29 -1.62 -2.84
CA ASP A 4 -0.43 -3.07 -2.86
C ASP A 4 -1.46 -3.46 -3.93
N SER A 5 -2.36 -2.52 -4.21
CA SER A 5 -3.39 -2.75 -5.21
C SER A 5 -2.78 -2.68 -6.62
N PHE A 6 -1.65 -2.01 -6.70
CA PHE A 6 -0.96 -1.87 -7.97
C PHE A 6 -0.36 -3.20 -8.42
N VAL A 7 -0.17 -4.09 -7.46
CA VAL A 7 0.39 -5.40 -7.74
C VAL A 7 -0.46 -6.10 -8.81
N GLY A 8 -1.69 -5.65 -8.91
CA GLY A 8 -2.62 -6.22 -9.89
C GLY A 8 -2.06 -6.10 -11.30
N LEU A 9 -1.06 -5.24 -11.44
CA LEU A 9 -0.43 -5.04 -12.73
C LEU A 9 0.31 -6.31 -13.15
N MET A 10 0.65 -7.12 -12.15
CA MET A 10 1.35 -8.36 -12.40
C MET A 10 0.41 -9.42 -12.96
N HIS A 1 -2.51 -0.99 1.29
CA HIS A 1 -2.44 0.35 0.72
C HIS A 1 -2.50 1.38 1.85
N LYS A 2 -2.45 2.64 1.45
CA LYS A 2 -2.50 3.74 2.42
C LYS A 2 -3.92 3.85 2.97
N THR A 3 -4.85 3.22 2.28
CA THR A 3 -6.24 3.24 2.70
C THR A 3 -6.45 2.38 3.94
N ASP A 4 -5.61 1.36 4.05
CA ASP A 4 -5.68 0.44 5.18
C ASP A 4 -4.92 1.03 6.36
N SER A 5 -4.02 1.95 6.04
CA SER A 5 -3.21 2.61 7.07
C SER A 5 -4.07 3.64 7.81
N PHE A 6 -5.28 3.80 7.33
CA PHE A 6 -6.20 4.75 7.95
C PHE A 6 -6.40 4.45 9.43
N VAL A 7 -6.08 3.22 9.80
CA VAL A 7 -6.22 2.79 11.18
C VAL A 7 -5.33 3.67 12.07
N GLY A 8 -4.31 4.24 11.46
CA GLY A 8 -3.39 5.10 12.18
C GLY A 8 -4.08 6.41 12.59
N LEU A 9 -5.19 6.69 11.92
CA LEU A 9 -5.94 7.90 12.20
C LEU A 9 -6.62 7.78 13.57
N MET A 10 -6.77 6.54 14.00
CA MET A 10 -7.40 6.26 15.29
C MET A 10 -6.38 6.36 16.43
N HIS A 1 -2.51 -0.99 1.29
CA HIS A 1 -2.44 0.35 0.72
C HIS A 1 -3.85 0.96 0.69
N LYS A 2 -4.06 1.81 -0.30
CA LYS A 2 -5.35 2.46 -0.46
C LYS A 2 -6.27 1.57 -1.29
N THR A 3 -5.80 0.35 -1.52
CA THR A 3 -6.58 -0.60 -2.29
C THR A 3 -7.74 -1.16 -1.46
N ASP A 4 -7.51 -1.19 -0.15
CA ASP A 4 -8.53 -1.70 0.76
C ASP A 4 -9.59 -0.61 0.98
N SER A 5 -9.18 0.62 0.75
CA SER A 5 -10.08 1.75 0.92
C SER A 5 -11.21 1.68 -0.09
N PHE A 6 -10.99 0.88 -1.13
CA PHE A 6 -11.98 0.70 -2.18
C PHE A 6 -13.30 0.18 -1.60
N VAL A 7 -13.20 -0.41 -0.42
CA VAL A 7 -14.38 -0.95 0.24
C VAL A 7 -15.38 0.17 0.49
N GLY A 8 -14.88 1.39 0.45
CA GLY A 8 -15.72 2.56 0.66
C GLY A 8 -16.81 2.65 -0.40
N LEU A 9 -16.63 1.87 -1.46
CA LEU A 9 -17.60 1.86 -2.55
C LEU A 9 -18.88 1.16 -2.08
N MET A 10 -18.73 0.36 -1.04
CA MET A 10 -19.87 -0.35 -0.48
C MET A 10 -20.78 0.59 0.30
N HIS A 1 -2.51 -0.99 1.29
CA HIS A 1 -2.44 0.35 0.72
C HIS A 1 -3.44 0.47 -0.43
N LYS A 2 -3.65 1.70 -0.86
CA LYS A 2 -4.58 1.97 -1.94
C LYS A 2 -3.85 1.81 -3.28
N THR A 3 -2.63 1.30 -3.20
CA THR A 3 -1.82 1.09 -4.39
C THR A 3 -2.22 -0.21 -5.08
N ASP A 4 -2.70 -1.15 -4.28
CA ASP A 4 -3.12 -2.44 -4.81
C ASP A 4 -4.53 -2.32 -5.39
N SER A 5 -5.24 -1.32 -4.90
CA SER A 5 -6.60 -1.08 -5.37
C SER A 5 -6.57 -0.55 -6.81
N PHE A 6 -5.43 0.01 -7.17
CA PHE A 6 -5.25 0.56 -8.51
C PHE A 6 -5.22 -0.56 -9.56
N VAL A 7 -4.97 -1.77 -9.08
CA VAL A 7 -4.91 -2.92 -9.97
C VAL A 7 -6.29 -3.16 -10.59
N GLY A 8 -7.30 -2.64 -9.90
CA GLY A 8 -8.67 -2.79 -10.38
C GLY A 8 -8.86 -2.11 -11.73
N LEU A 9 -7.92 -1.24 -12.06
CA LEU A 9 -7.96 -0.52 -13.33
C LEU A 9 -7.73 -1.50 -14.47
N MET A 10 -7.11 -2.62 -14.14
CA MET A 10 -6.81 -3.64 -15.12
C MET A 10 -8.08 -4.41 -15.50
N HIS A 1 -2.51 -0.99 1.29
CA HIS A 1 -2.44 0.35 0.72
C HIS A 1 -1.57 0.33 -0.52
N LYS A 2 -1.49 1.49 -1.16
CA LYS A 2 -0.69 1.63 -2.38
C LYS A 2 0.76 1.93 -1.99
N THR A 3 0.93 2.35 -0.74
CA THR A 3 2.25 2.69 -0.24
C THR A 3 3.07 1.42 -0.02
N ASP A 4 2.36 0.33 0.27
CA ASP A 4 3.00 -0.95 0.51
C ASP A 4 3.24 -1.65 -0.83
N SER A 5 2.52 -1.19 -1.84
CA SER A 5 2.63 -1.76 -3.17
C SER A 5 3.98 -1.38 -3.79
N PHE A 6 4.63 -0.40 -3.17
CA PHE A 6 5.92 0.07 -3.64
C PHE A 6 7.01 -0.96 -3.33
N VAL A 7 6.67 -1.91 -2.48
CA VAL A 7 7.60 -2.95 -2.09
C VAL A 7 7.98 -3.78 -3.33
N GLY A 8 7.14 -3.69 -4.34
CA GLY A 8 7.36 -4.41 -5.58
C GLY A 8 8.56 -3.83 -6.35
N LEU A 9 8.92 -2.61 -5.97
CA LEU A 9 10.03 -1.94 -6.61
C LEU A 9 11.34 -2.37 -5.94
N MET A 10 11.22 -3.36 -5.07
CA MET A 10 12.38 -3.87 -4.35
C MET A 10 13.26 -4.71 -5.28
N HIS A 1 -2.51 -0.99 1.29
CA HIS A 1 -2.44 0.35 0.72
C HIS A 1 -3.78 0.69 0.06
N LYS A 2 -3.80 1.84 -0.61
CA LYS A 2 -5.00 2.28 -1.28
C LYS A 2 -5.26 1.40 -2.50
N THR A 3 -4.18 0.77 -2.98
CA THR A 3 -4.28 -0.11 -4.13
C THR A 3 -5.03 -1.38 -3.77
N ASP A 4 -4.93 -1.76 -2.50
CA ASP A 4 -5.58 -2.95 -2.02
C ASP A 4 -7.07 -2.66 -1.78
N SER A 5 -7.35 -1.38 -1.59
CA SER A 5 -8.72 -0.95 -1.36
C SER A 5 -9.52 -1.01 -2.66
N PHE A 6 -8.80 -0.98 -3.77
CA PHE A 6 -9.43 -1.04 -5.08
C PHE A 6 -9.91 -2.46 -5.39
N VAL A 7 -9.35 -3.42 -4.68
CA VAL A 7 -9.71 -4.81 -4.87
C VAL A 7 -11.18 -5.01 -4.50
N GLY A 8 -11.68 -4.08 -3.69
CA GLY A 8 -13.07 -4.14 -3.26
C GLY A 8 -14.02 -4.13 -4.47
N LEU A 9 -13.48 -3.72 -5.61
CA LEU A 9 -14.26 -3.67 -6.83
C LEU A 9 -14.63 -5.08 -7.25
N MET A 10 -13.87 -6.05 -6.74
CA MET A 10 -14.12 -7.44 -7.05
C MET A 10 -15.27 -8.00 -6.21
N HIS A 1 -2.51 -0.99 1.29
CA HIS A 1 -2.44 0.35 0.72
C HIS A 1 -0.98 0.77 0.57
N LYS A 2 -0.80 2.03 0.20
CA LYS A 2 0.54 2.57 0.02
C LYS A 2 1.22 2.73 1.38
N THR A 3 0.39 2.79 2.41
CA THR A 3 0.89 2.93 3.77
C THR A 3 1.56 1.64 4.23
N ASP A 4 1.07 0.52 3.68
CA ASP A 4 1.62 -0.77 4.03
C ASP A 4 3.02 -0.91 3.44
N SER A 5 3.24 -0.22 2.34
CA SER A 5 4.53 -0.25 1.67
C SER A 5 5.58 0.42 2.54
N PHE A 6 5.12 1.26 3.45
CA PHE A 6 6.00 1.96 4.35
C PHE A 6 6.53 1.03 5.44
N VAL A 7 5.83 -0.07 5.63
CA VAL A 7 6.21 -1.05 6.63
C VAL A 7 7.61 -1.57 6.31
N GLY A 8 7.98 -1.44 5.05
CA GLY A 8 9.29 -1.89 4.61
C GLY A 8 10.41 -1.19 5.36
N LEU A 9 10.04 -0.11 6.04
CA LEU A 9 11.00 0.66 6.80
C LEU A 9 11.51 -0.20 7.97
N MET A 10 10.75 -1.23 8.28
CA MET A 10 11.10 -2.13 9.37
C MET A 10 12.30 -3.00 8.99
N HIS A 1 -2.51 -0.99 1.29
CA HIS A 1 -2.44 0.35 0.72
C HIS A 1 -1.73 0.30 -0.62
N LYS A 2 -1.57 1.48 -1.22
CA LYS A 2 -0.91 1.58 -2.51
C LYS A 2 0.59 1.32 -2.34
N THR A 3 1.04 1.42 -1.09
CA THR A 3 2.44 1.19 -0.78
C THR A 3 2.76 -0.30 -0.85
N ASP A 4 1.75 -1.10 -0.56
CA ASP A 4 1.91 -2.55 -0.59
C ASP A 4 2.12 -3.01 -2.04
N SER A 5 1.52 -2.27 -2.95
CA SER A 5 1.63 -2.59 -4.37
C SER A 5 3.03 -2.20 -4.88
N PHE A 6 3.68 -1.33 -4.12
CA PHE A 6 5.02 -0.87 -4.48
C PHE A 6 6.06 -1.96 -4.20
N VAL A 7 5.69 -2.87 -3.32
CA VAL A 7 6.58 -3.96 -2.94
C VAL A 7 6.90 -4.80 -4.19
N GLY A 8 6.06 -4.64 -5.20
CA GLY A 8 6.24 -5.37 -6.45
C GLY A 8 7.53 -4.94 -7.14
N LEU A 9 8.05 -3.81 -6.72
CA LEU A 9 9.28 -3.29 -7.30
C LEU A 9 10.44 -4.21 -6.94
N MET A 10 10.23 -4.98 -5.88
CA MET A 10 11.25 -5.91 -5.42
C MET A 10 11.30 -7.16 -6.31
N HIS A 1 -2.51 -0.99 1.29
CA HIS A 1 -2.44 0.35 0.72
C HIS A 1 -3.83 0.99 0.78
N LYS A 2 -3.90 2.22 0.28
CA LYS A 2 -5.15 2.96 0.28
C LYS A 2 -5.94 2.59 -0.99
N THR A 3 -5.44 1.58 -1.69
CA THR A 3 -6.08 1.12 -2.91
C THR A 3 -7.17 0.11 -2.58
N ASP A 4 -6.97 -0.60 -1.49
CA ASP A 4 -7.93 -1.61 -1.06
C ASP A 4 -9.13 -0.92 -0.40
N SER A 5 -8.87 0.27 0.14
CA SER A 5 -9.91 1.04 0.79
C SER A 5 -10.83 1.66 -0.27
N PHE A 6 -10.31 1.79 -1.47
CA PHE A 6 -11.07 2.37 -2.56
C PHE A 6 -12.13 1.40 -3.06
N VAL A 7 -11.92 0.13 -2.75
CA VAL A 7 -12.85 -0.92 -3.15
C VAL A 7 -14.21 -0.66 -2.49
N GLY A 8 -14.16 0.09 -1.40
CA GLY A 8 -15.37 0.40 -0.66
C GLY A 8 -16.38 1.15 -1.53
N LEU A 9 -15.86 1.69 -2.63
CA LEU A 9 -16.69 2.44 -3.56
C LEU A 9 -17.35 1.47 -4.55
N MET A 10 -17.18 0.19 -4.26
CA MET A 10 -17.76 -0.84 -5.10
C MET A 10 -19.28 -0.88 -4.96
N HIS A 1 -2.51 -0.99 1.29
CA HIS A 1 -2.44 0.35 0.72
C HIS A 1 -1.32 0.41 -0.31
N LYS A 2 -1.10 1.62 -0.82
CA LYS A 2 -0.06 1.83 -1.81
C LYS A 2 1.27 2.09 -1.11
N THR A 3 1.27 1.88 0.20
CA THR A 3 2.45 2.08 1.00
C THR A 3 3.31 0.81 1.02
N ASP A 4 2.63 -0.32 0.88
CA ASP A 4 3.31 -1.61 0.89
C ASP A 4 3.87 -1.88 -0.51
N SER A 5 3.26 -1.23 -1.50
CA SER A 5 3.69 -1.39 -2.88
C SER A 5 5.05 -0.72 -3.09
N PHE A 6 5.41 0.14 -2.13
CA PHE A 6 6.67 0.85 -2.20
C PHE A 6 7.83 -0.08 -1.86
N VAL A 7 7.50 -1.25 -1.35
CA VAL A 7 8.50 -2.23 -0.98
C VAL A 7 9.22 -2.72 -2.24
N GLY A 8 8.54 -2.58 -3.37
CA GLY A 8 9.09 -3.00 -4.63
C GLY A 8 10.20 -2.05 -5.10
N LEU A 9 10.24 -0.90 -4.46
CA LEU A 9 11.24 0.10 -4.79
C LEU A 9 12.63 -0.42 -4.42
N MET A 10 12.63 -1.47 -3.61
CA MET A 10 13.88 -2.08 -3.17
C MET A 10 14.54 -2.84 -4.32
N HIS A 1 -2.51 -0.99 1.29
CA HIS A 1 -2.44 0.35 0.72
C HIS A 1 -1.11 0.54 0.00
N LYS A 2 -0.84 1.79 -0.34
CA LYS A 2 0.41 2.12 -1.04
C LYS A 2 1.58 1.94 -0.08
N THR A 3 1.27 1.98 1.21
CA THR A 3 2.29 1.84 2.23
C THR A 3 2.82 0.40 2.25
N ASP A 4 1.95 -0.51 1.87
CA ASP A 4 2.31 -1.93 1.84
C ASP A 4 3.01 -2.25 0.52
N SER A 5 2.81 -1.36 -0.45
CA SER A 5 3.41 -1.53 -1.75
C SER A 5 4.92 -1.31 -1.66
N PHE A 6 5.36 -0.87 -0.50
CA PHE A 6 6.77 -0.61 -0.27
C PHE A 6 7.60 -1.86 -0.58
N VAL A 7 6.92 -2.99 -0.62
CA VAL A 7 7.59 -4.26 -0.90
C VAL A 7 8.30 -4.16 -2.25
N GLY A 8 7.82 -3.24 -3.07
CA GLY A 8 8.40 -3.04 -4.39
C GLY A 8 9.88 -2.66 -4.29
N LEU A 9 10.26 -2.22 -3.09
CA LEU A 9 11.63 -1.81 -2.86
C LEU A 9 12.47 -3.04 -2.50
N MET A 10 11.78 -4.07 -2.03
CA MET A 10 12.44 -5.30 -1.65
C MET A 10 12.85 -6.11 -2.89
N HIS A 1 -2.51 -0.99 1.29
CA HIS A 1 -2.44 0.35 0.72
C HIS A 1 -1.03 0.91 0.90
N LYS A 2 -0.98 2.19 1.26
CA LYS A 2 0.29 2.86 1.46
C LYS A 2 0.96 2.31 2.72
N THR A 3 0.20 1.49 3.44
CA THR A 3 0.71 0.89 4.67
C THR A 3 1.64 -0.27 4.35
N ASP A 4 1.36 -0.93 3.24
CA ASP A 4 2.16 -2.06 2.81
C ASP A 4 3.41 -1.54 2.09
N SER A 5 3.32 -0.30 1.63
CA SER A 5 4.43 0.32 0.93
C SER A 5 5.56 0.63 1.91
N PHE A 6 5.18 0.75 3.18
CA PHE A 6 6.14 1.05 4.22
C PHE A 6 7.05 -0.15 4.50
N VAL A 7 6.57 -1.31 4.10
CA VAL A 7 7.32 -2.53 4.30
C VAL A 7 8.65 -2.45 3.54
N GLY A 8 8.66 -1.58 2.54
CA GLY A 8 9.84 -1.39 1.73
C GLY A 8 11.00 -0.84 2.56
N LEU A 9 10.65 -0.31 3.72
CA LEU A 9 11.65 0.25 4.63
C LEU A 9 12.54 -0.88 5.15
N MET A 10 12.00 -2.09 5.11
CA MET A 10 12.74 -3.25 5.57
C MET A 10 13.81 -3.66 4.57
N HIS A 1 -2.51 -0.99 1.29
CA HIS A 1 -2.44 0.35 0.72
C HIS A 1 -1.85 1.31 1.76
N LYS A 2 -2.16 2.59 1.58
CA LYS A 2 -1.67 3.61 2.48
C LYS A 2 -2.60 3.72 3.68
N THR A 3 -3.54 2.80 3.76
CA THR A 3 -4.49 2.77 4.85
C THR A 3 -3.89 2.12 6.09
N ASP A 4 -2.95 1.21 5.84
CA ASP A 4 -2.28 0.51 6.93
C ASP A 4 -1.46 1.51 7.74
N SER A 5 -0.93 2.49 7.04
CA SER A 5 -0.12 3.52 7.69
C SER A 5 -0.99 4.38 8.59
N PHE A 6 -2.23 4.56 8.16
CA PHE A 6 -3.18 5.37 8.92
C PHE A 6 -3.37 4.79 10.33
N VAL A 7 -3.05 3.51 10.47
CA VAL A 7 -3.19 2.85 11.75
C VAL A 7 -2.06 3.29 12.68
N GLY A 8 -0.98 3.77 12.06
CA GLY A 8 0.16 4.24 12.82
C GLY A 8 -0.16 5.53 13.57
N LEU A 9 -1.24 6.17 13.14
CA LEU A 9 -1.66 7.42 13.75
C LEU A 9 -2.18 7.13 15.16
N MET A 10 -2.59 5.89 15.37
CA MET A 10 -3.12 5.48 16.66
C MET A 10 -1.99 5.34 17.69
N HIS A 1 -2.51 -0.99 1.29
CA HIS A 1 -2.44 0.35 0.72
C HIS A 1 -1.91 1.33 1.78
N LYS A 2 -2.32 1.10 3.01
CA LYS A 2 -1.90 1.95 4.12
C LYS A 2 -0.58 1.43 4.66
N THR A 3 0.00 0.48 3.94
CA THR A 3 1.27 -0.11 4.34
C THR A 3 2.44 0.68 3.74
N ASP A 4 2.17 1.26 2.58
CA ASP A 4 3.18 2.04 1.89
C ASP A 4 3.20 3.46 2.45
N SER A 5 2.11 3.82 3.12
CA SER A 5 1.98 5.13 3.71
C SER A 5 2.85 5.24 4.95
N PHE A 6 3.47 4.12 5.31
CA PHE A 6 4.33 4.07 6.48
C PHE A 6 5.62 4.84 6.24
N VAL A 7 5.77 5.31 5.02
CA VAL A 7 6.96 6.07 4.65
C VAL A 7 7.05 7.33 5.52
N GLY A 8 5.90 7.73 6.04
CA GLY A 8 5.83 8.90 6.90
C GLY A 8 6.47 8.63 8.26
N LEU A 9 6.62 7.35 8.56
CA LEU A 9 7.23 6.94 9.82
C LEU A 9 8.75 7.02 9.70
N MET A 10 9.21 7.10 8.47
CA MET A 10 10.64 7.17 8.20
C MET A 10 11.11 8.63 8.17
N HIS A 1 -2.51 -0.99 1.29
CA HIS A 1 -2.44 0.35 0.72
C HIS A 1 -0.98 0.76 0.53
N LYS A 2 -0.16 0.36 1.50
CA LYS A 2 1.26 0.68 1.44
C LYS A 2 2.00 -0.43 0.70
N THR A 3 1.43 -1.63 0.78
CA THR A 3 2.03 -2.79 0.13
C THR A 3 1.87 -2.68 -1.38
N ASP A 4 0.80 -2.01 -1.79
CA ASP A 4 0.52 -1.83 -3.21
C ASP A 4 1.31 -0.62 -3.73
N SER A 5 1.69 0.23 -2.80
CA SER A 5 2.44 1.43 -3.14
C SER A 5 3.83 1.04 -3.67
N PHE A 6 4.21 -0.19 -3.38
CA PHE A 6 5.51 -0.69 -3.81
C PHE A 6 5.57 -0.81 -5.34
N VAL A 7 4.40 -0.76 -5.95
CA VAL A 7 4.30 -0.85 -7.39
C VAL A 7 5.00 0.35 -8.02
N GLY A 8 5.13 1.41 -7.23
CA GLY A 8 5.77 2.63 -7.70
C GLY A 8 7.26 2.40 -7.97
N LEU A 9 7.74 1.26 -7.47
CA LEU A 9 9.14 0.90 -7.64
C LEU A 9 9.35 0.39 -9.08
N MET A 10 8.27 -0.05 -9.68
CA MET A 10 8.32 -0.56 -11.05
C MET A 10 8.30 0.59 -12.06
N HIS A 1 -2.51 -0.99 1.29
CA HIS A 1 -2.44 0.35 0.72
C HIS A 1 -1.03 0.62 0.21
N LYS A 2 -0.06 0.15 0.97
CA LYS A 2 1.34 0.33 0.61
C LYS A 2 1.77 -0.78 -0.36
N THR A 3 1.11 -1.91 -0.22
CA THR A 3 1.41 -3.06 -1.07
C THR A 3 0.92 -2.79 -2.50
N ASP A 4 -0.13 -1.99 -2.60
CA ASP A 4 -0.70 -1.65 -3.89
C ASP A 4 0.18 -0.62 -4.58
N SER A 5 0.88 0.16 -3.76
CA SER A 5 1.77 1.18 -4.28
C SER A 5 3.02 0.54 -4.89
N PHE A 6 3.27 -0.69 -4.47
CA PHE A 6 4.43 -1.42 -4.96
C PHE A 6 4.19 -1.91 -6.39
N VAL A 7 2.93 -1.96 -6.78
CA VAL A 7 2.57 -2.40 -8.11
C VAL A 7 3.06 -1.37 -9.13
N GLY A 8 3.26 -0.15 -8.66
CA GLY A 8 3.73 0.92 -9.53
C GLY A 8 5.17 0.67 -9.97
N LEU A 9 5.84 -0.21 -9.24
CA LEU A 9 7.22 -0.54 -9.56
C LEU A 9 7.25 -1.46 -10.77
N MET A 10 6.13 -2.13 -11.02
CA MET A 10 6.02 -3.04 -12.14
C MET A 10 5.67 -2.28 -13.43
#